data_8JYB
#
_entry.id   8JYB
#
_cell.length_a   43.996
_cell.length_b   68.056
_cell.length_c   134.657
_cell.angle_alpha   90.000
_cell.angle_beta   90.000
_cell.angle_gamma   90.000
#
_symmetry.space_group_name_H-M   'P 21 21 21'
#
loop_
_entity.id
_entity.type
_entity.pdbx_description
1 polymer 'Butyrophylin 3'
2 non-polymer 'SULFATE ION'
3 water water
#
_entity_poly.entity_id   1
_entity_poly.type   'polypeptide(L)'
_entity_poly.pdbx_seq_one_letter_code
;GAGAGARGEKSQAYAEWKKALFQPADVILDPNTANPILLVSDDQRSLQRADERQNLPDNPERFDWHYCVLGCKSFTSGRH
YWEVEVGDRKEWHIGVCQENVERKCWVKMTPENGFWTVGLTDGSKYRALSDPRTKLTVANPPQRVGVFLDYETGEVSFYN
AMDGSHIYTFPHTFFSGPLWPVFRILTLEPTALTICPA
;
_entity_poly.pdbx_strand_id   A,B
#
loop_
_chem_comp.id
_chem_comp.type
_chem_comp.name
_chem_comp.formula
SO4 non-polymer 'SULFATE ION' 'O4 S -2'
#
# COMPACT_ATOMS: atom_id res chain seq x y z
N GLY A 8 12.19 7.50 -16.54
CA GLY A 8 11.27 6.34 -16.49
C GLY A 8 9.88 6.81 -16.08
N GLU A 9 8.84 6.27 -16.69
CA GLU A 9 7.47 6.80 -16.42
C GLU A 9 7.09 6.60 -14.94
N LYS A 10 7.40 5.44 -14.37
CA LYS A 10 7.11 5.07 -12.96
C LYS A 10 7.87 6.01 -12.02
N SER A 11 9.15 6.28 -12.28
CA SER A 11 9.90 7.32 -11.53
C SER A 11 9.21 8.66 -11.61
N GLN A 12 8.75 9.05 -12.81
CA GLN A 12 8.19 10.39 -13.05
C GLN A 12 6.86 10.48 -12.29
N ALA A 13 6.05 9.42 -12.35
CA ALA A 13 4.73 9.38 -11.68
C ALA A 13 4.93 9.47 -10.16
N TYR A 14 5.97 8.80 -9.67
CA TYR A 14 6.33 8.82 -8.22
C TYR A 14 6.72 10.24 -7.82
N ALA A 15 7.59 10.90 -8.60
CA ALA A 15 7.96 12.31 -8.37
C ALA A 15 6.73 13.18 -8.34
N GLU A 16 5.82 13.04 -9.30
CA GLU A 16 4.64 13.94 -9.41
C GLU A 16 3.65 13.66 -8.26
N TRP A 17 3.48 12.42 -7.85
CA TRP A 17 2.56 12.09 -6.74
C TRP A 17 3.05 12.76 -5.44
N LYS A 18 4.35 12.66 -5.15
CA LYS A 18 4.98 13.27 -3.95
C LYS A 18 4.68 14.77 -3.96
N LYS A 19 4.91 15.45 -5.10
CA LYS A 19 4.57 16.90 -5.26
C LYS A 19 3.08 17.22 -5.12
N ALA A 20 2.16 16.48 -5.73
CA ALA A 20 0.71 16.74 -5.63
C ALA A 20 0.25 16.67 -4.18
N LEU A 21 0.84 15.81 -3.34
CA LEU A 21 0.15 15.45 -2.08
C LEU A 21 1.02 15.69 -0.82
N PHE A 22 2.36 15.63 -0.86
CA PHE A 22 3.17 15.48 0.39
C PHE A 22 4.16 16.63 0.45
N GLN A 23 4.34 17.25 1.63
CA GLN A 23 5.37 18.27 1.84
C GLN A 23 6.67 17.52 2.09
N PRO A 24 7.75 17.88 1.36
CA PRO A 24 9.06 17.27 1.57
C PRO A 24 9.58 17.72 2.95
N ALA A 25 9.79 16.78 3.85
CA ALA A 25 10.42 17.09 5.13
C ALA A 25 11.93 17.06 4.95
N ASP A 26 12.59 18.00 5.62
CA ASP A 26 14.06 18.10 5.67
C ASP A 26 14.42 17.56 7.04
N VAL A 27 14.78 16.29 7.09
CA VAL A 27 14.90 15.60 8.39
C VAL A 27 16.38 15.50 8.74
N ILE A 28 16.71 15.93 9.94
CA ILE A 28 18.05 15.75 10.53
C ILE A 28 17.86 14.98 11.84
N LEU A 29 18.85 14.18 12.18
CA LEU A 29 18.86 13.32 13.38
C LEU A 29 19.25 14.16 14.59
N ASP A 30 18.54 13.92 15.69
CA ASP A 30 18.79 14.59 16.97
C ASP A 30 19.70 13.72 17.83
N PRO A 31 20.99 14.06 17.96
CA PRO A 31 21.89 13.24 18.74
C PRO A 31 21.50 13.09 20.22
N ASN A 32 20.76 14.04 20.79
CA ASN A 32 20.30 13.97 22.22
C ASN A 32 19.32 12.79 22.39
N THR A 33 18.67 12.32 21.33
CA THR A 33 17.71 11.19 21.40
C THR A 33 18.38 9.85 21.12
N ALA A 34 19.56 9.85 20.50
CA ALA A 34 20.19 8.62 19.97
C ALA A 34 20.66 7.74 21.13
N ASN A 35 20.31 6.47 21.04
CA ASN A 35 20.82 5.42 21.93
C ASN A 35 22.34 5.57 22.01
N PRO A 36 22.94 5.38 23.18
CA PRO A 36 24.40 5.60 23.31
C PRO A 36 25.33 4.70 22.49
N ILE A 37 24.79 3.65 21.86
CA ILE A 37 25.58 2.86 20.87
C ILE A 37 25.52 3.47 19.47
N LEU A 38 24.71 4.49 19.24
CA LEU A 38 24.60 5.08 17.89
C LEU A 38 25.54 6.28 17.78
N LEU A 39 26.04 6.50 16.56
CA LEU A 39 26.76 7.72 16.17
C LEU A 39 25.90 8.44 15.15
N VAL A 40 25.64 9.68 15.45
CA VAL A 40 25.04 10.64 14.50
C VAL A 40 26.16 11.47 13.85
N SER A 41 26.18 11.57 12.54
CA SER A 41 27.22 12.29 11.74
C SER A 41 27.13 13.78 12.10
N ASP A 42 28.23 14.51 11.92
N ASP A 42 28.21 14.50 11.87
CA ASP A 42 28.23 15.95 12.29
CA ASP A 42 28.24 15.92 12.25
C ASP A 42 27.17 16.67 11.46
C ASP A 42 27.20 16.69 11.44
N ASP A 43 26.91 16.27 10.22
CA ASP A 43 25.86 16.95 9.38
C ASP A 43 24.45 16.46 9.78
N GLN A 44 24.36 15.51 10.72
CA GLN A 44 23.11 14.98 11.27
C GLN A 44 22.25 14.29 10.21
N ARG A 45 22.81 13.84 9.10
CA ARG A 45 22.02 13.11 8.09
C ARG A 45 22.31 11.61 8.18
N SER A 46 23.39 11.19 8.83
CA SER A 46 23.82 9.78 8.74
C SER A 46 23.94 9.16 10.13
N LEU A 47 23.79 7.85 10.15
CA LEU A 47 23.75 7.07 11.39
C LEU A 47 24.66 5.85 11.23
N GLN A 48 25.48 5.62 12.25
CA GLN A 48 26.27 4.39 12.34
C GLN A 48 26.11 3.81 13.75
N ARG A 49 26.72 2.64 13.94
CA ARG A 49 26.66 1.94 15.23
C ARG A 49 28.09 1.74 15.73
N ALA A 50 28.29 1.96 17.02
CA ALA A 50 29.57 1.72 17.71
C ALA A 50 29.71 0.25 18.11
N ASP A 51 30.91 -0.12 18.51
CA ASP A 51 31.17 -1.51 18.98
C ASP A 51 30.52 -1.72 20.34
N GLU A 52 30.34 -0.66 21.12
CA GLU A 52 29.75 -0.74 22.48
C GLU A 52 29.14 0.60 22.81
N ARG A 53 28.34 0.64 23.87
CA ARG A 53 27.73 1.90 24.33
C ARG A 53 28.83 2.91 24.62
N GLN A 54 28.66 4.13 24.14
CA GLN A 54 29.58 5.25 24.45
C GLN A 54 29.05 5.95 25.69
N ASN A 55 29.82 6.87 26.24
CA ASN A 55 29.41 7.58 27.48
C ASN A 55 28.66 8.84 27.08
N LEU A 56 27.35 8.85 27.30
CA LEU A 56 26.45 9.96 26.91
C LEU A 56 25.71 10.33 28.19
N PRO A 57 25.29 11.58 28.39
CA PRO A 57 24.34 11.89 29.49
C PRO A 57 22.99 11.24 29.25
N ASP A 58 22.39 10.51 30.22
CA ASP A 58 21.06 9.86 30.01
C ASP A 58 19.94 10.91 30.22
N ASN A 59 19.93 12.02 29.47
CA ASN A 59 18.73 12.90 29.34
C ASN A 59 17.46 12.07 29.05
N PRO A 60 16.27 12.62 29.42
CA PRO A 60 15.03 11.84 29.36
C PRO A 60 14.60 11.44 27.94
N GLU A 61 15.04 12.19 26.92
CA GLU A 61 14.60 11.99 25.51
C GLU A 61 15.37 10.81 24.92
N ARG A 62 16.52 10.43 25.49
CA ARG A 62 17.41 9.45 24.83
C ARG A 62 16.81 8.04 24.92
N PHE A 63 16.79 7.31 23.83
CA PHE A 63 16.46 5.86 23.83
C PHE A 63 17.59 5.09 24.52
N ASP A 64 17.32 4.50 25.68
CA ASP A 64 18.37 3.80 26.45
C ASP A 64 18.45 2.35 25.96
N TRP A 65 17.32 1.74 25.63
CA TRP A 65 17.27 0.30 25.30
C TRP A 65 17.35 0.11 23.78
N HIS A 66 16.37 0.61 23.04
CA HIS A 66 16.26 0.37 21.58
C HIS A 66 17.30 1.23 20.88
N TYR A 67 17.91 0.69 19.83
CA TYR A 67 18.98 1.37 19.08
C TYR A 67 18.37 2.42 18.15
N CYS A 68 17.63 3.37 18.71
CA CYS A 68 16.79 4.33 17.96
C CYS A 68 17.34 5.74 18.09
N VAL A 69 16.95 6.56 17.13
CA VAL A 69 17.20 8.02 17.16
C VAL A 69 15.98 8.66 16.49
N LEU A 70 15.66 9.88 16.87
CA LEU A 70 14.56 10.67 16.27
C LEU A 70 15.13 11.77 15.37
N GLY A 71 14.27 12.24 14.49
CA GLY A 71 14.42 13.54 13.83
C GLY A 71 14.36 14.70 14.81
N CYS A 72 14.67 15.89 14.32
CA CYS A 72 14.73 17.16 15.11
C CYS A 72 13.38 17.86 15.10
N LYS A 73 12.48 17.47 14.21
CA LYS A 73 11.14 18.13 14.15
C LYS A 73 10.06 17.06 14.15
N SER A 74 8.93 17.40 14.74
CA SER A 74 7.75 16.49 14.83
C SER A 74 6.64 16.96 13.87
N PHE A 75 5.65 16.11 13.65
CA PHE A 75 4.47 16.41 12.81
C PHE A 75 3.22 16.21 13.67
N THR A 76 2.33 17.19 13.68
CA THR A 76 1.05 17.11 14.41
C THR A 76 -0.12 17.16 13.42
N SER A 77 0.19 17.33 12.14
CA SER A 77 -0.81 17.54 11.08
C SER A 77 -0.15 17.46 9.71
N GLY A 78 -0.94 17.07 8.72
CA GLY A 78 -0.63 17.24 7.30
C GLY A 78 0.10 16.03 6.72
N ARG A 79 0.50 16.19 5.46
CA ARG A 79 1.10 15.11 4.65
C ARG A 79 2.56 15.46 4.47
N HIS A 80 3.43 14.51 4.81
CA HIS A 80 4.89 14.71 4.85
C HIS A 80 5.58 13.50 4.25
N TYR A 81 6.68 13.69 3.55
CA TYR A 81 7.53 12.54 3.18
C TYR A 81 9.00 12.91 3.36
N TRP A 82 9.80 11.86 3.51
CA TRP A 82 11.27 11.94 3.42
C TRP A 82 11.76 10.62 2.87
N GLU A 83 12.97 10.66 2.36
CA GLU A 83 13.60 9.48 1.73
C GLU A 83 14.92 9.19 2.45
N VAL A 84 15.20 7.90 2.55
CA VAL A 84 16.34 7.39 3.32
C VAL A 84 17.13 6.45 2.42
N GLU A 85 18.43 6.72 2.32
CA GLU A 85 19.36 5.87 1.59
C GLU A 85 19.78 4.74 2.53
N VAL A 86 19.17 3.59 2.38
CA VAL A 86 19.50 2.36 3.17
C VAL A 86 20.65 1.62 2.48
N GLY A 87 20.82 1.85 1.19
CA GLY A 87 21.93 1.24 0.45
C GLY A 87 21.90 -0.27 0.57
N ASP A 88 23.08 -0.89 0.65
CA ASP A 88 23.15 -2.37 0.75
C ASP A 88 23.23 -2.78 2.23
N ARG A 89 22.74 -1.95 3.16
CA ARG A 89 22.67 -2.37 4.58
C ARG A 89 21.94 -3.70 4.68
N LYS A 90 22.38 -4.54 5.60
CA LYS A 90 21.77 -5.86 5.84
C LYS A 90 20.62 -5.75 6.83
N GLU A 91 20.59 -4.65 7.58
CA GLU A 91 19.66 -4.46 8.73
C GLU A 91 19.36 -2.97 8.89
N TRP A 92 18.07 -2.64 9.02
CA TRP A 92 17.62 -1.28 9.32
C TRP A 92 16.11 -1.32 9.51
N HIS A 93 15.58 -0.38 10.29
CA HIS A 93 14.13 -0.09 10.35
C HIS A 93 13.95 1.41 10.42
N ILE A 94 12.94 1.95 9.75
CA ILE A 94 12.63 3.39 9.76
C ILE A 94 11.12 3.56 9.78
N GLY A 95 10.71 4.72 10.23
CA GLY A 95 9.29 5.09 10.11
C GLY A 95 9.02 6.29 10.99
N VAL A 96 7.93 6.23 11.74
CA VAL A 96 7.55 7.29 12.70
C VAL A 96 7.22 6.66 14.04
N CYS A 97 7.30 7.49 15.08
CA CYS A 97 6.82 7.11 16.42
C CYS A 97 6.23 8.31 17.14
N GLN A 98 5.34 8.02 18.07
CA GLN A 98 4.72 9.05 18.90
C GLN A 98 5.76 9.65 19.83
N GLU A 99 5.54 10.90 20.18
CA GLU A 99 6.35 11.61 21.21
C GLU A 99 6.34 10.82 22.53
N ASN A 100 5.25 10.14 22.83
CA ASN A 100 5.06 9.55 24.20
C ASN A 100 5.58 8.10 24.23
N VAL A 101 6.29 7.61 23.23
CA VAL A 101 6.82 6.22 23.31
C VAL A 101 7.76 6.10 24.53
N GLU A 102 7.79 4.89 25.10
CA GLU A 102 8.73 4.51 26.17
C GLU A 102 10.14 4.60 25.60
N ARG A 103 10.99 5.40 26.24
CA ARG A 103 12.41 5.61 25.81
C ARG A 103 13.38 4.74 26.67
N LYS A 104 13.03 4.33 27.89
CA LYS A 104 14.06 3.78 28.82
C LYS A 104 13.85 2.27 29.00
N CYS A 105 12.68 1.90 29.49
CA CYS A 105 12.27 0.48 29.63
C CYS A 105 12.03 -0.08 28.24
N TRP A 106 12.13 -1.41 28.12
CA TRP A 106 11.79 -2.10 26.87
C TRP A 106 10.30 -2.00 26.68
N VAL A 107 9.90 -1.77 25.45
CA VAL A 107 8.55 -2.06 24.90
C VAL A 107 8.76 -2.67 23.54
N LYS A 108 7.83 -3.49 23.06
CA LYS A 108 7.91 -4.00 21.68
C LYS A 108 7.65 -2.84 20.72
N MET A 109 8.40 -2.77 19.63
CA MET A 109 8.24 -1.66 18.66
C MET A 109 7.08 -2.00 17.74
N THR A 110 5.89 -1.64 18.19
CA THR A 110 4.61 -2.02 17.53
C THR A 110 3.75 -0.78 17.46
N PRO A 111 2.76 -0.70 16.55
CA PRO A 111 1.84 0.44 16.54
C PRO A 111 1.13 0.66 17.88
N GLU A 112 0.80 -0.43 18.58
CA GLU A 112 0.08 -0.35 19.90
C GLU A 112 0.95 0.44 20.89
N ASN A 113 2.26 0.31 20.78
CA ASN A 113 3.24 1.04 21.63
C ASN A 113 3.71 2.36 20.98
N GLY A 114 3.14 2.77 19.84
CA GLY A 114 3.40 4.10 19.25
C GLY A 114 4.50 4.14 18.21
N PHE A 115 4.87 2.99 17.65
CA PHE A 115 5.87 2.83 16.58
C PHE A 115 5.25 2.28 15.30
N TRP A 116 5.53 2.96 14.18
CA TRP A 116 5.16 2.55 12.81
C TRP A 116 6.44 2.46 11.99
N THR A 117 7.00 1.26 11.88
CA THR A 117 8.29 1.05 11.19
C THR A 117 8.28 -0.20 10.32
N VAL A 118 9.09 -0.16 9.27
CA VAL A 118 9.34 -1.33 8.40
C VAL A 118 10.85 -1.41 8.20
N GLY A 119 11.33 -2.56 7.76
CA GLY A 119 12.74 -2.66 7.42
C GLY A 119 13.17 -4.06 7.14
N LEU A 120 14.44 -4.28 7.37
CA LEU A 120 15.21 -5.41 6.81
C LEU A 120 16.01 -6.03 7.94
N THR A 121 16.06 -7.35 7.94
CA THR A 121 16.95 -8.14 8.80
C THR A 121 17.69 -9.20 7.97
N ASP A 122 18.94 -9.51 8.33
CA ASP A 122 19.71 -10.65 7.75
C ASP A 122 19.78 -10.55 6.23
N GLY A 123 19.90 -9.34 5.69
CA GLY A 123 20.16 -9.07 4.27
C GLY A 123 18.92 -9.20 3.42
N SER A 124 17.94 -10.05 3.78
CA SER A 124 16.88 -10.48 2.83
C SER A 124 15.48 -10.52 3.46
N LYS A 125 15.31 -10.38 4.77
CA LYS A 125 14.00 -10.56 5.43
C LYS A 125 13.35 -9.20 5.62
N TYR A 126 12.46 -8.79 4.70
CA TYR A 126 11.75 -7.50 4.84
C TYR A 126 10.55 -7.74 5.73
N ARG A 127 10.27 -6.84 6.67
CA ARG A 127 9.11 -6.99 7.61
C ARG A 127 8.49 -5.63 7.89
N ALA A 128 7.20 -5.59 8.09
CA ALA A 128 6.56 -4.48 8.80
C ALA A 128 6.47 -4.85 10.27
N LEU A 129 6.78 -3.90 11.15
CA LEU A 129 6.82 -4.16 12.60
C LEU A 129 5.43 -3.86 13.16
N SER A 130 4.45 -4.45 12.50
CA SER A 130 3.11 -4.71 13.08
C SER A 130 3.21 -5.78 14.18
N ASP A 131 2.12 -6.02 14.90
CA ASP A 131 2.03 -7.07 15.94
C ASP A 131 0.81 -7.94 15.61
N PRO A 132 0.97 -9.14 15.04
CA PRO A 132 2.27 -9.72 14.74
C PRO A 132 2.96 -9.04 13.53
N ARG A 133 4.25 -9.27 13.37
CA ARG A 133 5.10 -8.75 12.28
C ARG A 133 4.54 -9.23 10.96
N THR A 134 4.53 -8.37 9.95
CA THR A 134 4.09 -8.72 8.57
C THR A 134 5.31 -9.05 7.72
N LYS A 135 5.35 -10.25 7.15
CA LYS A 135 6.39 -10.68 6.19
C LYS A 135 6.11 -9.98 4.87
N LEU A 136 7.09 -9.27 4.34
CA LEU A 136 6.92 -8.52 3.09
C LEU A 136 7.60 -9.34 2.01
N THR A 137 7.15 -9.21 0.81
CA THR A 137 7.78 -9.85 -0.35
C THR A 137 8.11 -8.69 -1.29
N VAL A 138 9.38 -8.49 -1.52
CA VAL A 138 9.88 -7.29 -2.21
C VAL A 138 10.67 -7.79 -3.41
N ALA A 139 10.23 -7.48 -4.62
CA ALA A 139 10.80 -8.02 -5.87
C ALA A 139 12.20 -7.48 -6.10
N ASN A 140 12.41 -6.20 -5.81
CA ASN A 140 13.73 -5.55 -5.98
C ASN A 140 14.12 -4.90 -4.64
N PRO A 141 15.25 -5.29 -4.02
CA PRO A 141 15.61 -4.73 -2.71
C PRO A 141 15.82 -3.23 -2.89
N PRO A 142 15.12 -2.39 -2.13
CA PRO A 142 15.34 -0.95 -2.26
C PRO A 142 16.71 -0.48 -1.74
N GLN A 143 17.28 0.48 -2.45
CA GLN A 143 18.46 1.24 -2.00
C GLN A 143 18.01 2.53 -1.31
N ARG A 144 16.83 3.00 -1.64
CA ARG A 144 16.31 4.30 -1.16
C ARG A 144 14.83 4.11 -0.92
N VAL A 145 14.41 4.44 0.30
CA VAL A 145 13.02 4.22 0.77
C VAL A 145 12.39 5.57 1.02
N GLY A 146 11.18 5.75 0.51
CA GLY A 146 10.36 6.91 0.85
C GLY A 146 9.39 6.56 1.96
N VAL A 147 9.34 7.41 2.97
CA VAL A 147 8.44 7.30 4.14
C VAL A 147 7.39 8.39 3.95
N PHE A 148 6.11 8.02 3.98
CA PHE A 148 4.98 8.93 3.67
C PHE A 148 4.00 8.92 4.84
N LEU A 149 3.77 10.09 5.41
CA LEU A 149 2.89 10.28 6.56
C LEU A 149 1.69 11.12 6.16
N ASP A 150 0.48 10.69 6.47
CA ASP A 150 -0.73 11.56 6.44
C ASP A 150 -1.30 11.57 7.84
N TYR A 151 -1.06 12.60 8.62
CA TYR A 151 -1.40 12.60 10.07
C TYR A 151 -2.92 12.40 10.25
N GLU A 152 -3.71 13.21 9.54
CA GLU A 152 -5.20 13.20 9.69
C GLU A 152 -5.78 11.83 9.36
N THR A 153 -5.32 11.14 8.33
CA THR A 153 -5.95 9.84 7.99
C THR A 153 -5.28 8.68 8.73
N GLY A 154 -4.23 8.98 9.51
CA GLY A 154 -3.49 7.96 10.24
C GLY A 154 -2.80 6.97 9.30
N GLU A 155 -2.16 7.51 8.29
CA GLU A 155 -1.53 6.71 7.21
C GLU A 155 -0.02 6.81 7.29
N VAL A 156 0.64 5.66 7.35
CA VAL A 156 2.11 5.55 7.22
C VAL A 156 2.39 4.53 6.13
N SER A 157 3.05 4.96 5.06
CA SER A 157 3.32 4.06 3.92
C SER A 157 4.75 4.26 3.45
N PHE A 158 5.27 3.25 2.78
CA PHE A 158 6.69 3.17 2.35
C PHE A 158 6.76 2.74 0.91
N TYR A 159 7.71 3.35 0.19
CA TYR A 159 7.95 3.12 -1.24
C TYR A 159 9.44 2.93 -1.52
N ASN A 160 9.69 2.19 -2.56
CA ASN A 160 11.01 2.15 -3.25
C ASN A 160 11.15 3.48 -4.01
N ALA A 161 11.94 4.40 -3.48
CA ALA A 161 12.04 5.78 -3.98
C ALA A 161 12.70 5.81 -5.37
N MET A 162 13.38 4.75 -5.81
CA MET A 162 14.09 4.76 -7.13
C MET A 162 13.15 4.32 -8.27
N ASP A 163 12.18 3.43 -8.04
CA ASP A 163 11.31 2.86 -9.11
C ASP A 163 9.82 3.12 -8.81
N GLY A 164 9.49 3.68 -7.66
CA GLY A 164 8.11 4.07 -7.30
C GLY A 164 7.31 2.89 -6.81
N SER A 165 7.91 1.71 -6.69
CA SER A 165 7.13 0.52 -6.26
C SER A 165 6.72 0.67 -4.77
N HIS A 166 5.51 0.23 -4.45
CA HIS A 166 4.99 0.31 -3.08
C HIS A 166 5.64 -0.79 -2.26
N ILE A 167 5.97 -0.49 -1.01
CA ILE A 167 6.49 -1.54 -0.09
C ILE A 167 5.44 -1.98 0.91
N TYR A 168 4.84 -1.04 1.63
CA TYR A 168 3.93 -1.36 2.76
C TYR A 168 3.15 -0.11 3.15
N THR A 169 1.90 -0.34 3.52
CA THR A 169 1.04 0.64 4.21
C THR A 169 0.52 -0.03 5.47
N PHE A 170 0.67 0.64 6.61
CA PHE A 170 0.04 0.17 7.86
C PHE A 170 -1.46 0.40 7.77
N PRO A 171 -2.26 -0.37 8.53
CA PRO A 171 -3.67 -0.06 8.62
C PRO A 171 -3.82 1.40 9.04
N HIS A 172 -4.82 2.10 8.49
CA HIS A 172 -5.09 3.47 8.94
C HIS A 172 -5.34 3.40 10.44
N THR A 173 -4.86 4.39 11.17
CA THR A 173 -4.94 4.37 12.65
C THR A 173 -5.38 5.75 13.12
N PHE A 174 -5.28 5.97 14.42
CA PHE A 174 -5.53 7.26 15.07
C PHE A 174 -4.28 7.61 15.86
N PHE A 175 -3.60 8.66 15.44
CA PHE A 175 -2.34 9.05 16.11
C PHE A 175 -2.67 9.78 17.39
N SER A 176 -1.84 9.62 18.40
CA SER A 176 -1.96 10.45 19.62
C SER A 176 -0.70 11.28 19.81
N GLY A 177 -0.86 12.61 19.70
CA GLY A 177 0.23 13.55 19.99
C GLY A 177 1.13 13.66 18.76
N PRO A 178 2.28 14.32 18.88
CA PRO A 178 3.18 14.55 17.75
C PRO A 178 3.89 13.25 17.33
N LEU A 179 4.17 13.13 16.04
CA LEU A 179 4.95 12.03 15.47
C LEU A 179 6.34 12.53 15.12
N TRP A 180 7.30 11.66 15.35
CA TRP A 180 8.72 11.91 15.03
C TRP A 180 9.19 10.90 14.00
N PRO A 181 10.02 11.30 13.01
CA PRO A 181 10.77 10.35 12.21
C PRO A 181 11.60 9.53 13.19
N VAL A 182 11.62 8.22 13.00
CA VAL A 182 12.46 7.35 13.86
C VAL A 182 13.30 6.45 12.94
N PHE A 183 14.50 6.12 13.41
CA PHE A 183 15.51 5.32 12.69
C PHE A 183 16.15 4.35 13.69
N ARG A 184 16.31 3.12 13.26
CA ARG A 184 16.87 2.05 14.10
C ARG A 184 17.86 1.19 13.30
N ILE A 185 19.05 1.00 13.82
CA ILE A 185 20.05 0.07 13.27
C ILE A 185 20.56 -0.80 14.41
N LEU A 186 20.57 -2.11 14.21
CA LEU A 186 21.04 -3.05 15.26
C LEU A 186 22.47 -3.51 15.01
N THR A 187 22.94 -3.46 13.78
CA THR A 187 24.19 -4.11 13.37
C THR A 187 25.32 -3.13 13.25
N LEU A 188 26.54 -3.67 13.33
CA LEU A 188 27.79 -2.92 13.07
C LEU A 188 28.26 -3.38 11.70
N GLU A 189 28.02 -2.57 10.66
CA GLU A 189 28.31 -2.95 9.28
C GLU A 189 28.76 -1.70 8.53
N PRO A 190 29.49 -1.89 7.41
CA PRO A 190 30.15 -0.77 6.72
C PRO A 190 29.26 0.35 6.15
N THR A 191 28.06 0.04 5.71
CA THR A 191 27.14 1.01 5.07
C THR A 191 26.37 1.73 6.16
N ALA A 192 26.39 3.06 6.14
CA ALA A 192 25.61 3.88 7.08
C ALA A 192 24.17 3.93 6.59
N LEU A 193 23.29 4.40 7.45
CA LEU A 193 21.94 4.85 7.09
C LEU A 193 22.03 6.35 6.84
N THR A 194 21.58 6.84 5.71
CA THR A 194 21.69 8.28 5.39
C THR A 194 20.35 8.87 4.93
N ILE A 195 19.97 10.00 5.50
CA ILE A 195 18.74 10.71 5.11
C ILE A 195 19.04 11.53 3.86
N CYS A 196 18.15 11.46 2.87
CA CYS A 196 18.19 12.33 1.68
C CYS A 196 17.65 13.70 2.05
N PRO A 197 18.40 14.80 1.82
CA PRO A 197 17.87 16.12 2.11
C PRO A 197 16.69 16.46 1.18
N ALA A 198 15.79 17.35 1.62
CA ALA A 198 14.61 17.83 0.85
C ALA A 198 15.05 18.53 -0.46
N GLY B 8 -11.88 -2.75 16.66
CA GLY B 8 -12.86 -1.66 16.35
C GLY B 8 -12.16 -0.46 15.72
N GLU B 9 -11.00 -0.08 16.26
CA GLU B 9 -10.35 1.19 15.86
C GLU B 9 -9.90 1.08 14.42
N LYS B 10 -9.42 -0.10 14.02
CA LYS B 10 -8.91 -0.35 12.64
C LYS B 10 -10.06 -0.12 11.65
N SER B 11 -11.24 -0.69 11.93
CA SER B 11 -12.45 -0.48 11.09
C SER B 11 -12.84 1.00 11.11
N GLN B 12 -12.81 1.65 12.27
CA GLN B 12 -13.24 3.05 12.37
C GLN B 12 -12.27 3.91 11.55
N ALA B 13 -10.97 3.74 11.74
CA ALA B 13 -9.97 4.56 11.02
C ALA B 13 -10.12 4.33 9.51
N TYR B 14 -10.38 3.09 9.08
CA TYR B 14 -10.60 2.75 7.65
C TYR B 14 -11.82 3.53 7.14
N ALA B 15 -12.92 3.53 7.89
CA ALA B 15 -14.17 4.26 7.54
C ALA B 15 -13.88 5.75 7.45
N GLU B 16 -13.13 6.30 8.41
CA GLU B 16 -12.89 7.76 8.45
C GLU B 16 -12.00 8.15 7.28
N TRP B 17 -11.08 7.28 6.91
CA TRP B 17 -10.13 7.61 5.83
C TRP B 17 -10.90 7.64 4.50
N LYS B 18 -11.67 6.61 4.25
CA LYS B 18 -12.31 6.55 2.91
C LYS B 18 -13.32 7.71 2.79
N LYS B 19 -14.01 8.05 3.88
CA LYS B 19 -14.98 9.18 3.91
C LYS B 19 -14.25 10.52 3.70
N ALA B 20 -13.05 10.67 4.28
CA ALA B 20 -12.30 11.94 4.26
C ALA B 20 -11.82 12.26 2.85
N LEU B 21 -11.45 11.24 2.05
CA LEU B 21 -10.63 11.46 0.86
C LEU B 21 -11.28 10.87 -0.40
N PHE B 22 -12.17 9.87 -0.30
CA PHE B 22 -12.63 9.14 -1.51
C PHE B 22 -14.14 9.28 -1.68
N GLN B 23 -14.55 9.58 -2.91
CA GLN B 23 -15.99 9.68 -3.28
C GLN B 23 -16.49 8.26 -3.33
N PRO B 24 -17.54 7.92 -2.57
CA PRO B 24 -18.08 6.57 -2.60
C PRO B 24 -18.78 6.29 -3.93
N ALA B 25 -18.29 5.32 -4.68
CA ALA B 25 -18.91 4.93 -5.96
C ALA B 25 -20.03 3.92 -5.68
N ASP B 26 -21.15 4.13 -6.34
CA ASP B 26 -22.24 3.14 -6.34
C ASP B 26 -22.13 2.37 -7.66
N VAL B 27 -21.53 1.19 -7.64
CA VAL B 27 -21.18 0.45 -8.88
C VAL B 27 -22.23 -0.64 -9.16
N ILE B 28 -22.70 -0.66 -10.40
CA ILE B 28 -23.57 -1.74 -10.92
C ILE B 28 -22.90 -2.30 -12.20
N LEU B 29 -23.03 -3.60 -12.36
CA LEU B 29 -22.49 -4.35 -13.53
C LEU B 29 -23.32 -4.03 -14.75
N ASP B 30 -22.64 -3.81 -15.87
CA ASP B 30 -23.23 -3.60 -17.21
C ASP B 30 -23.26 -4.94 -17.92
N PRO B 31 -24.41 -5.63 -17.91
CA PRO B 31 -24.53 -6.93 -18.57
C PRO B 31 -24.18 -6.86 -20.08
N ASN B 32 -24.28 -5.68 -20.71
CA ASN B 32 -23.96 -5.51 -22.17
C ASN B 32 -22.45 -5.69 -22.41
N THR B 33 -21.61 -5.49 -21.39
CA THR B 33 -20.14 -5.61 -21.51
C THR B 33 -19.68 -7.02 -21.15
N ALA B 34 -20.53 -7.83 -20.49
CA ALA B 34 -20.08 -9.07 -19.79
C ALA B 34 -19.79 -10.14 -20.82
N ASN B 35 -18.62 -10.76 -20.71
CA ASN B 35 -18.32 -11.98 -21.49
C ASN B 35 -19.57 -12.87 -21.46
N PRO B 36 -19.96 -13.53 -22.57
CA PRO B 36 -21.14 -14.39 -22.59
C PRO B 36 -21.16 -15.52 -21.56
N ILE B 37 -20.02 -15.91 -21.01
CA ILE B 37 -19.99 -16.99 -19.99
C ILE B 37 -20.33 -16.42 -18.61
N LEU B 38 -20.50 -15.11 -18.47
CA LEU B 38 -20.82 -14.49 -17.18
C LEU B 38 -22.33 -14.32 -17.03
N LEU B 39 -22.79 -14.40 -15.79
CA LEU B 39 -24.19 -14.13 -15.38
C LEU B 39 -24.23 -12.92 -14.45
N VAL B 40 -24.90 -11.87 -14.88
CA VAL B 40 -25.07 -10.64 -14.08
C VAL B 40 -26.45 -10.73 -13.47
N SER B 41 -26.52 -10.58 -12.16
CA SER B 41 -27.79 -10.57 -11.40
C SER B 41 -28.77 -9.50 -11.91
N ASP B 42 -30.05 -9.72 -11.64
N ASP B 42 -30.06 -9.66 -11.65
CA ASP B 42 -31.16 -8.77 -11.97
CA ASP B 42 -31.05 -8.64 -12.08
C ASP B 42 -30.82 -7.36 -11.40
C ASP B 42 -30.76 -7.29 -11.42
N ASP B 43 -30.36 -7.28 -10.15
CA ASP B 43 -30.05 -6.01 -9.44
C ASP B 43 -28.65 -5.46 -9.81
N GLN B 44 -27.94 -6.12 -10.71
CA GLN B 44 -26.64 -5.68 -11.31
C GLN B 44 -25.56 -5.55 -10.22
N ARG B 45 -25.69 -6.24 -9.09
CA ARG B 45 -24.66 -6.19 -8.03
C ARG B 45 -23.82 -7.44 -8.04
N SER B 46 -24.33 -8.58 -8.54
CA SER B 46 -23.71 -9.90 -8.31
C SER B 46 -23.28 -10.55 -9.62
N LEU B 47 -22.22 -11.32 -9.55
CA LEU B 47 -21.61 -11.90 -10.75
C LEU B 47 -21.34 -13.37 -10.50
N GLN B 48 -21.82 -14.23 -11.39
CA GLN B 48 -21.49 -15.67 -11.38
C GLN B 48 -21.11 -16.07 -12.80
N ARG B 49 -20.58 -17.28 -12.92
CA ARG B 49 -20.18 -17.84 -14.23
C ARG B 49 -21.20 -18.91 -14.61
N ALA B 50 -21.56 -18.95 -15.88
CA ALA B 50 -22.36 -20.07 -16.42
C ALA B 50 -21.45 -21.27 -16.71
N ASP B 51 -22.08 -22.42 -16.90
CA ASP B 51 -21.37 -23.65 -17.34
C ASP B 51 -20.71 -23.37 -18.69
N GLU B 52 -21.44 -22.74 -19.61
CA GLU B 52 -20.87 -22.45 -20.95
C GLU B 52 -21.38 -21.11 -21.44
N ARG B 53 -20.73 -20.60 -22.48
CA ARG B 53 -21.10 -19.29 -23.11
C ARG B 53 -22.57 -19.33 -23.46
N GLN B 54 -23.29 -18.30 -23.05
CA GLN B 54 -24.67 -18.00 -23.48
C GLN B 54 -24.65 -17.45 -24.92
N ASN B 55 -25.73 -17.60 -25.66
CA ASN B 55 -25.83 -16.97 -27.01
C ASN B 55 -26.23 -15.52 -26.76
N LEU B 56 -25.28 -14.61 -26.81
CA LEU B 56 -25.50 -13.16 -26.61
C LEU B 56 -24.84 -12.47 -27.77
N PRO B 57 -25.32 -11.29 -28.18
CA PRO B 57 -24.72 -10.63 -29.33
C PRO B 57 -23.32 -10.10 -29.01
N ASP B 58 -22.42 -10.28 -29.95
CA ASP B 58 -21.02 -9.79 -29.90
C ASP B 58 -21.05 -8.31 -30.32
N ASN B 59 -21.83 -7.49 -29.61
CA ASN B 59 -21.79 -6.04 -29.75
C ASN B 59 -20.39 -5.54 -29.38
N PRO B 60 -19.98 -4.38 -29.90
CA PRO B 60 -18.58 -3.92 -29.72
C PRO B 60 -18.11 -3.73 -28.27
N GLU B 61 -19.02 -3.35 -27.37
CA GLU B 61 -18.69 -3.11 -25.95
C GLU B 61 -18.49 -4.44 -25.20
N ARG B 62 -18.86 -5.60 -25.75
CA ARG B 62 -18.80 -6.82 -24.92
C ARG B 62 -17.39 -7.41 -24.92
N PHE B 63 -16.85 -7.79 -23.75
CA PHE B 63 -15.64 -8.62 -23.66
C PHE B 63 -15.92 -9.99 -24.28
N ASP B 64 -15.18 -10.36 -25.30
CA ASP B 64 -15.44 -11.68 -25.95
C ASP B 64 -14.34 -12.68 -25.58
N TRP B 65 -13.18 -12.22 -25.12
CA TRP B 65 -12.06 -13.13 -24.80
C TRP B 65 -11.93 -13.27 -23.28
N HIS B 66 -11.58 -12.20 -22.58
CA HIS B 66 -11.47 -12.23 -21.11
C HIS B 66 -12.87 -12.39 -20.53
N TYR B 67 -12.95 -13.11 -19.43
CA TYR B 67 -14.21 -13.32 -18.67
C TYR B 67 -14.44 -12.10 -17.77
N CYS B 68 -14.59 -10.94 -18.38
CA CYS B 68 -14.67 -9.62 -17.71
C CYS B 68 -16.05 -9.02 -17.92
N VAL B 69 -16.41 -8.12 -17.02
CA VAL B 69 -17.57 -7.22 -17.11
C VAL B 69 -17.17 -5.89 -16.47
N LEU B 70 -17.77 -4.82 -16.97
CA LEU B 70 -17.50 -3.44 -16.50
C LEU B 70 -18.67 -2.98 -15.63
N GLY B 71 -18.43 -1.95 -14.84
CA GLY B 71 -19.49 -1.12 -14.25
C GLY B 71 -20.22 -0.31 -15.30
N CYS B 72 -21.22 0.45 -14.87
CA CYS B 72 -22.07 1.30 -15.71
C CYS B 72 -21.60 2.78 -15.69
N LYS B 73 -20.54 3.12 -14.97
CA LYS B 73 -19.99 4.50 -14.95
C LYS B 73 -18.48 4.40 -14.90
N SER B 74 -17.82 5.31 -15.59
CA SER B 74 -16.36 5.47 -15.63
C SER B 74 -15.96 6.64 -14.72
N PHE B 75 -14.65 6.75 -14.51
CA PHE B 75 -14.01 7.88 -13.78
C PHE B 75 -13.01 8.52 -14.71
N THR B 76 -13.10 9.85 -14.93
CA THR B 76 -12.07 10.61 -15.67
C THR B 76 -11.34 11.56 -14.75
N SER B 77 -11.83 11.71 -13.52
CA SER B 77 -11.18 12.55 -12.48
C SER B 77 -11.59 12.06 -11.10
N GLY B 78 -10.89 12.54 -10.10
CA GLY B 78 -11.26 12.36 -8.70
C GLY B 78 -10.82 11.05 -8.11
N ARG B 79 -11.09 10.95 -6.83
CA ARG B 79 -10.80 9.78 -5.99
C ARG B 79 -12.12 9.08 -5.75
N HIS B 80 -12.13 7.76 -5.88
CA HIS B 80 -13.36 6.94 -5.78
C HIS B 80 -13.05 5.64 -5.08
N TYR B 81 -14.02 5.07 -4.39
CA TYR B 81 -13.86 3.70 -3.86
C TYR B 81 -15.19 2.97 -3.95
N TRP B 82 -15.05 1.67 -3.96
CA TRP B 82 -16.19 0.73 -3.88
C TRP B 82 -15.67 -0.53 -3.22
N GLU B 83 -16.58 -1.32 -2.66
CA GLU B 83 -16.17 -2.54 -1.96
C GLU B 83 -16.92 -3.71 -2.58
N VAL B 84 -16.25 -4.84 -2.62
CA VAL B 84 -16.76 -6.07 -3.27
C VAL B 84 -16.70 -7.19 -2.24
N GLU B 85 -17.86 -7.83 -2.00
CA GLU B 85 -17.91 -9.06 -1.17
C GLU B 85 -17.41 -10.22 -2.01
N VAL B 86 -16.18 -10.67 -1.75
CA VAL B 86 -15.56 -11.84 -2.43
C VAL B 86 -15.86 -13.11 -1.62
N GLY B 87 -16.31 -12.94 -0.36
CA GLY B 87 -16.55 -14.09 0.53
C GLY B 87 -15.48 -15.15 0.38
N ASP B 88 -15.86 -16.43 0.30
CA ASP B 88 -14.89 -17.55 0.24
C ASP B 88 -14.64 -17.97 -1.21
N ARG B 89 -15.04 -17.15 -2.19
CA ARG B 89 -14.80 -17.50 -3.61
C ARG B 89 -13.30 -17.73 -3.86
N LYS B 90 -12.95 -18.89 -4.41
CA LYS B 90 -11.54 -19.35 -4.55
C LYS B 90 -10.84 -18.67 -5.73
N GLU B 91 -11.58 -17.97 -6.60
CA GLU B 91 -10.98 -17.30 -7.77
C GLU B 91 -11.79 -16.04 -8.09
N TRP B 92 -11.09 -14.93 -8.29
CA TRP B 92 -11.68 -13.61 -8.66
C TRP B 92 -10.54 -12.63 -8.91
N HIS B 93 -10.74 -11.67 -9.80
CA HIS B 93 -9.81 -10.52 -10.01
C HIS B 93 -10.66 -9.27 -10.24
N ILE B 94 -10.32 -8.16 -9.59
CA ILE B 94 -11.12 -6.90 -9.65
C ILE B 94 -10.17 -5.74 -9.74
N GLY B 95 -10.66 -4.63 -10.26
CA GLY B 95 -9.91 -3.38 -10.27
C GLY B 95 -10.54 -2.43 -11.22
N VAL B 96 -9.72 -1.85 -12.08
CA VAL B 96 -10.14 -0.82 -13.06
C VAL B 96 -9.45 -1.16 -14.36
N CYS B 97 -10.07 -0.77 -15.46
CA CYS B 97 -9.40 -0.76 -16.79
C CYS B 97 -9.79 0.46 -17.61
N GLN B 98 -8.94 0.80 -18.57
CA GLN B 98 -9.17 1.90 -19.53
C GLN B 98 -10.38 1.56 -20.40
N GLU B 99 -11.09 2.61 -20.81
CA GLU B 99 -12.21 2.50 -21.78
C GLU B 99 -11.72 1.85 -23.08
N ASN B 100 -10.47 2.08 -23.43
CA ASN B 100 -9.85 1.69 -24.73
C ASN B 100 -9.17 0.32 -24.68
N VAL B 101 -9.32 -0.49 -23.63
CA VAL B 101 -8.73 -1.86 -23.61
C VAL B 101 -9.22 -2.68 -24.81
N GLU B 102 -8.39 -3.63 -25.22
CA GLU B 102 -8.77 -4.66 -26.22
C GLU B 102 -9.82 -5.57 -25.58
N ARG B 103 -11.01 -5.61 -26.13
CA ARG B 103 -12.15 -6.40 -25.56
C ARG B 103 -12.36 -7.72 -26.31
N LYS B 104 -11.83 -7.85 -27.53
CA LYS B 104 -12.21 -8.95 -28.45
C LYS B 104 -11.09 -9.97 -28.57
N CYS B 105 -9.86 -9.50 -28.81
CA CYS B 105 -8.63 -10.30 -29.01
C CYS B 105 -7.97 -10.60 -27.66
N TRP B 106 -7.23 -11.69 -27.60
CA TRP B 106 -6.36 -12.04 -26.44
C TRP B 106 -5.39 -10.88 -26.21
N VAL B 107 -5.37 -10.30 -25.02
CA VAL B 107 -4.22 -9.51 -24.50
C VAL B 107 -4.00 -9.93 -23.05
N LYS B 108 -2.80 -9.73 -22.56
CA LYS B 108 -2.49 -10.03 -21.14
C LYS B 108 -3.05 -8.85 -20.34
N MET B 109 -3.80 -9.14 -19.27
CA MET B 109 -4.33 -8.09 -18.35
C MET B 109 -3.18 -7.58 -17.49
N THR B 110 -2.65 -6.45 -17.93
CA THR B 110 -1.50 -5.77 -17.31
C THR B 110 -1.76 -4.27 -17.39
N PRO B 111 -1.11 -3.48 -16.51
CA PRO B 111 -1.20 -2.03 -16.64
C PRO B 111 -0.82 -1.52 -18.03
N GLU B 112 0.22 -2.10 -18.66
CA GLU B 112 0.66 -1.66 -20.01
C GLU B 112 -0.52 -1.83 -20.99
N ASN B 113 -1.37 -2.82 -20.78
CA ASN B 113 -2.53 -3.08 -21.66
C ASN B 113 -3.81 -2.41 -21.11
N GLY B 114 -3.70 -1.61 -20.05
CA GLY B 114 -4.81 -0.78 -19.54
C GLY B 114 -5.63 -1.48 -18.46
N PHE B 115 -5.07 -2.42 -17.72
CA PHE B 115 -5.78 -3.12 -16.62
C PHE B 115 -4.97 -3.06 -15.33
N TRP B 116 -5.64 -2.64 -14.25
CA TRP B 116 -5.07 -2.61 -12.88
C TRP B 116 -5.94 -3.47 -11.97
N THR B 117 -5.53 -4.71 -11.76
CA THR B 117 -6.37 -5.70 -11.06
C THR B 117 -5.51 -6.54 -10.15
N VAL B 118 -6.13 -7.01 -9.07
CA VAL B 118 -5.53 -7.99 -8.13
C VAL B 118 -6.57 -9.07 -7.86
N GLY B 119 -6.12 -10.20 -7.37
CA GLY B 119 -7.10 -11.16 -6.88
C GLY B 119 -6.48 -12.47 -6.56
N LEU B 120 -7.30 -13.50 -6.66
CA LEU B 120 -7.10 -14.81 -6.00
C LEU B 120 -7.24 -15.91 -7.04
N THR B 121 -6.33 -16.87 -6.99
CA THR B 121 -6.36 -18.08 -7.83
C THR B 121 -6.23 -19.33 -6.93
N ASP B 122 -7.06 -20.35 -7.20
N ASP B 122 -7.10 -20.32 -7.16
CA ASP B 122 -6.91 -21.68 -6.56
CA ASP B 122 -6.97 -21.67 -6.56
C ASP B 122 -6.96 -21.50 -5.04
C ASP B 122 -7.03 -21.56 -5.04
N GLY B 123 -7.87 -20.66 -4.53
CA GLY B 123 -8.17 -20.59 -3.09
C GLY B 123 -7.14 -19.84 -2.27
N SER B 124 -5.85 -19.86 -2.62
CA SER B 124 -4.80 -19.41 -1.69
C SER B 124 -3.77 -18.50 -2.36
N LYS B 125 -3.75 -18.35 -3.69
CA LYS B 125 -2.69 -17.58 -4.39
C LYS B 125 -3.17 -16.17 -4.76
N TYR B 126 -2.88 -15.19 -3.90
CA TYR B 126 -3.18 -13.76 -4.15
C TYR B 126 -2.10 -13.21 -5.08
N ARG B 127 -2.49 -12.46 -6.10
CA ARG B 127 -1.53 -11.79 -7.02
C ARG B 127 -2.01 -10.39 -7.39
N ALA B 128 -1.07 -9.50 -7.65
CA ALA B 128 -1.37 -8.26 -8.42
C ALA B 128 -1.07 -8.59 -9.88
N LEU B 129 -1.95 -8.20 -10.79
CA LEU B 129 -1.73 -8.52 -12.23
C LEU B 129 -0.91 -7.41 -12.87
N SER B 130 0.20 -7.10 -12.20
CA SER B 130 1.40 -6.42 -12.75
C SER B 130 2.10 -7.35 -13.74
N ASP B 131 3.09 -6.82 -14.44
CA ASP B 131 3.89 -7.55 -15.43
C ASP B 131 5.35 -7.31 -15.12
N PRO B 132 6.08 -8.30 -14.54
CA PRO B 132 5.50 -9.61 -14.21
C PRO B 132 4.46 -9.53 -13.08
N ARG B 133 3.72 -10.61 -12.86
CA ARG B 133 2.75 -10.76 -11.74
C ARG B 133 3.46 -10.65 -10.39
N THR B 134 2.83 -9.99 -9.42
CA THR B 134 3.35 -9.82 -8.05
C THR B 134 2.65 -10.84 -7.15
N LYS B 135 3.43 -11.78 -6.62
CA LYS B 135 2.91 -12.70 -5.59
C LYS B 135 2.68 -11.85 -4.35
N LEU B 136 1.49 -11.90 -3.80
CA LEU B 136 1.14 -11.19 -2.55
C LEU B 136 1.20 -12.21 -1.42
N THR B 137 1.56 -11.73 -0.25
CA THR B 137 1.47 -12.48 1.03
C THR B 137 0.35 -11.82 1.83
N VAL B 138 -0.73 -12.53 2.08
CA VAL B 138 -1.94 -12.01 2.78
C VAL B 138 -2.21 -12.87 4.02
N ALA B 139 -1.91 -12.38 5.22
CA ALA B 139 -2.01 -13.17 6.46
C ALA B 139 -3.49 -13.45 6.78
N ASN B 140 -4.38 -12.53 6.43
CA ASN B 140 -5.84 -12.69 6.64
C ASN B 140 -6.55 -12.59 5.30
N PRO B 141 -6.99 -13.72 4.73
CA PRO B 141 -7.80 -13.72 3.50
C PRO B 141 -9.01 -12.80 3.55
N PRO B 142 -9.13 -11.82 2.63
CA PRO B 142 -10.26 -10.90 2.69
C PRO B 142 -11.59 -11.54 2.25
N GLN B 143 -12.66 -11.15 2.93
CA GLN B 143 -14.06 -11.47 2.59
C GLN B 143 -14.66 -10.30 1.82
N ARG B 144 -14.15 -9.10 2.08
CA ARG B 144 -14.64 -7.88 1.43
C ARG B 144 -13.42 -7.06 1.06
N VAL B 145 -13.35 -6.61 -0.19
CA VAL B 145 -12.14 -5.91 -0.70
C VAL B 145 -12.56 -4.51 -1.11
N GLY B 146 -11.85 -3.50 -0.61
CA GLY B 146 -12.06 -2.12 -1.04
C GLY B 146 -11.14 -1.80 -2.20
N VAL B 147 -11.69 -1.24 -3.28
CA VAL B 147 -10.95 -0.77 -4.47
C VAL B 147 -10.91 0.76 -4.43
N PHE B 148 -9.70 1.32 -4.42
CA PHE B 148 -9.42 2.75 -4.23
C PHE B 148 -8.68 3.28 -5.45
N LEU B 149 -9.28 4.26 -6.10
CA LEU B 149 -8.74 4.96 -7.27
C LEU B 149 -8.52 6.43 -6.95
N ASP B 150 -7.34 6.92 -7.28
CA ASP B 150 -7.11 8.39 -7.36
C ASP B 150 -6.64 8.70 -8.77
N TYR B 151 -7.55 9.21 -9.60
CA TYR B 151 -7.28 9.47 -11.03
C TYR B 151 -6.04 10.36 -11.16
N GLU B 152 -6.03 11.49 -10.43
CA GLU B 152 -5.01 12.56 -10.64
C GLU B 152 -3.61 12.07 -10.31
N THR B 153 -3.46 11.15 -9.36
CA THR B 153 -2.10 10.70 -8.94
C THR B 153 -1.76 9.34 -9.53
N GLY B 154 -2.68 8.78 -10.31
CA GLY B 154 -2.49 7.50 -10.98
C GLY B 154 -2.39 6.38 -9.98
N GLU B 155 -3.24 6.41 -8.97
CA GLU B 155 -3.15 5.46 -7.84
C GLU B 155 -4.30 4.47 -7.87
N VAL B 156 -3.97 3.19 -7.84
CA VAL B 156 -4.97 2.12 -7.66
C VAL B 156 -4.49 1.28 -6.49
N SER B 157 -5.30 1.20 -5.45
CA SER B 157 -4.93 0.43 -4.24
C SER B 157 -6.12 -0.40 -3.76
N PHE B 158 -5.82 -1.41 -2.95
CA PHE B 158 -6.78 -2.48 -2.54
C PHE B 158 -6.59 -2.72 -1.06
N TYR B 159 -7.70 -2.81 -0.31
CA TYR B 159 -7.72 -3.01 1.15
C TYR B 159 -8.69 -4.14 1.51
N ASN B 160 -8.37 -4.79 2.63
CA ASN B 160 -9.32 -5.67 3.35
C ASN B 160 -10.33 -4.71 3.95
N ALA B 161 -11.55 -4.70 3.45
CA ALA B 161 -12.54 -3.70 3.89
C ALA B 161 -13.12 -4.03 5.28
N MET B 162 -12.84 -5.20 5.84
CA MET B 162 -13.39 -5.57 7.19
C MET B 162 -12.42 -5.14 8.30
N ASP B 163 -11.11 -5.19 8.07
CA ASP B 163 -10.10 -4.91 9.13
C ASP B 163 -9.17 -3.77 8.72
N GLY B 164 -9.32 -3.19 7.52
CA GLY B 164 -8.56 -1.98 7.10
C GLY B 164 -7.14 -2.29 6.67
N SER B 165 -6.75 -3.56 6.66
CA SER B 165 -5.37 -3.97 6.31
C SER B 165 -5.19 -3.79 4.79
N HIS B 166 -4.04 -3.22 4.42
CA HIS B 166 -3.65 -2.96 3.01
C HIS B 166 -3.38 -4.30 2.30
N ILE B 167 -3.81 -4.42 1.06
CA ILE B 167 -3.46 -5.59 0.22
C ILE B 167 -2.36 -5.18 -0.77
N TYR B 168 -2.60 -4.18 -1.61
CA TYR B 168 -1.71 -3.87 -2.76
C TYR B 168 -1.96 -2.46 -3.28
N THR B 169 -0.86 -1.79 -3.65
CA THR B 169 -0.90 -0.49 -4.35
C THR B 169 -0.05 -0.66 -5.61
N PHE B 170 -0.63 -0.45 -6.80
CA PHE B 170 0.18 -0.39 -8.04
C PHE B 170 1.16 0.77 -7.94
N PRO B 171 2.29 0.72 -8.66
CA PRO B 171 3.11 1.92 -8.81
C PRO B 171 2.23 3.04 -9.37
N HIS B 172 2.42 4.28 -8.89
CA HIS B 172 1.69 5.46 -9.44
C HIS B 172 1.99 5.51 -10.94
N THR B 173 0.96 5.83 -11.72
CA THR B 173 1.06 5.85 -13.20
C THR B 173 0.43 7.14 -13.71
N PHE B 174 0.22 7.18 -15.01
CA PHE B 174 -0.48 8.27 -15.72
C PHE B 174 -1.61 7.63 -16.50
N PHE B 175 -2.83 8.05 -16.21
CA PHE B 175 -4.04 7.41 -16.77
C PHE B 175 -4.34 8.08 -18.10
N SER B 176 -4.74 7.26 -19.07
CA SER B 176 -5.22 7.66 -20.41
C SER B 176 -6.74 7.40 -20.49
N GLY B 177 -7.51 8.48 -20.47
CA GLY B 177 -8.96 8.39 -20.72
C GLY B 177 -9.67 7.84 -19.49
N PRO B 178 -10.95 7.48 -19.65
CA PRO B 178 -11.79 6.97 -18.57
C PRO B 178 -11.33 5.61 -18.06
N LEU B 179 -11.59 5.39 -16.78
CA LEU B 179 -11.36 4.13 -16.06
C LEU B 179 -12.70 3.56 -15.63
N TRP B 180 -12.87 2.26 -15.86
CA TRP B 180 -14.12 1.54 -15.54
C TRP B 180 -13.79 0.56 -14.45
N PRO B 181 -14.69 0.39 -13.46
CA PRO B 181 -14.65 -0.81 -12.62
C PRO B 181 -14.67 -2.05 -13.52
N VAL B 182 -13.77 -3.01 -13.23
CA VAL B 182 -13.73 -4.30 -13.98
C VAL B 182 -13.70 -5.44 -12.98
N PHE B 183 -14.31 -6.54 -13.40
CA PHE B 183 -14.52 -7.77 -12.63
C PHE B 183 -14.28 -8.96 -13.55
N ARG B 184 -13.56 -9.96 -13.04
CA ARG B 184 -13.18 -11.16 -13.80
C ARG B 184 -13.33 -12.36 -12.86
N ILE B 185 -14.03 -13.37 -13.36
CA ILE B 185 -14.07 -14.71 -12.71
C ILE B 185 -13.91 -15.79 -13.77
N LEU B 186 -13.08 -16.78 -13.48
CA LEU B 186 -12.68 -17.82 -14.46
C LEU B 186 -13.43 -19.12 -14.17
N THR B 187 -13.84 -19.32 -12.93
CA THR B 187 -14.27 -20.65 -12.46
C THR B 187 -15.76 -20.63 -12.13
N LEU B 188 -16.35 -21.82 -12.14
CA LEU B 188 -17.72 -22.12 -11.62
C LEU B 188 -17.57 -22.38 -10.13
N GLU B 189 -18.20 -21.58 -9.27
CA GLU B 189 -18.23 -22.00 -7.85
C GLU B 189 -19.41 -21.37 -7.14
N PRO B 190 -19.73 -21.89 -5.93
CA PRO B 190 -20.98 -21.56 -5.26
C PRO B 190 -21.13 -20.06 -4.98
N THR B 191 -20.06 -19.37 -4.55
CA THR B 191 -20.16 -18.00 -4.00
C THR B 191 -20.02 -16.97 -5.12
N ALA B 192 -21.06 -16.19 -5.36
CA ALA B 192 -21.05 -15.05 -6.32
C ALA B 192 -20.09 -13.96 -5.81
N LEU B 193 -19.55 -13.11 -6.70
CA LEU B 193 -19.01 -11.78 -6.31
C LEU B 193 -20.18 -10.84 -6.16
N THR B 194 -20.23 -10.03 -5.10
CA THR B 194 -21.35 -9.07 -4.89
C THR B 194 -20.78 -7.71 -4.57
N ILE B 195 -21.16 -6.73 -5.37
CA ILE B 195 -20.80 -5.31 -5.08
C ILE B 195 -21.61 -4.83 -3.87
N CYS B 196 -20.92 -4.21 -2.90
CA CYS B 196 -21.56 -3.48 -1.78
C CYS B 196 -22.09 -2.14 -2.29
N PRO B 197 -23.38 -1.83 -2.09
CA PRO B 197 -23.89 -0.52 -2.45
C PRO B 197 -23.20 0.59 -1.65
N ALA B 198 -23.15 1.79 -2.24
CA ALA B 198 -22.47 2.98 -1.66
C ALA B 198 -23.03 3.33 -0.27
S SO4 C . 12.23 -6.55 16.30
O1 SO4 C . 13.10 -6.38 15.13
O2 SO4 C . 12.97 -7.24 17.36
O3 SO4 C . 11.80 -5.27 16.78
O4 SO4 C . 11.06 -7.35 15.94
S SO4 D . 5.85 -11.62 15.93
O1 SO4 D . 6.75 -11.92 14.83
O2 SO4 D . 6.62 -11.27 17.10
O3 SO4 D . 5.00 -12.76 16.21
O4 SO4 D . 5.03 -10.50 15.56
S SO4 E . -1.71 6.84 23.56
O1 SO4 E . -0.82 6.60 22.46
O2 SO4 E . -1.59 5.78 24.53
O3 SO4 E . -1.37 8.09 24.17
O4 SO4 E . -3.08 6.91 23.10
S SO4 F . -3.84 -14.30 -15.53
O1 SO4 F . -2.53 -13.99 -15.04
O2 SO4 F . -3.71 -15.31 -16.54
O3 SO4 F . -4.43 -13.12 -16.15
O4 SO4 F . -4.71 -14.75 -14.44
S SO4 G . -2.96 4.12 -24.13
O1 SO4 G . -1.88 4.88 -23.55
O2 SO4 G . -2.47 3.40 -25.28
O3 SO4 G . -4.01 5.03 -24.52
O4 SO4 G . -3.47 3.20 -23.14
S SO4 H . 3.97 -13.80 -15.16
O1 SO4 H . 5.11 -14.51 -15.68
O2 SO4 H . 3.22 -14.65 -14.25
O3 SO4 H . 4.43 -12.62 -14.48
O4 SO4 H . 3.10 -13.42 -16.26
#